data_6VLX
#
_entry.id   6VLX
#
_cell.length_a   60.557
_cell.length_b   77.772
_cell.length_c   127.561
_cell.angle_alpha   90.000
_cell.angle_beta   90.000
_cell.angle_gamma   90.000
#
_symmetry.space_group_name_H-M   'P 21 2 21'
#
loop_
_entity.id
_entity.type
_entity.pdbx_description
1 polymer 'Enoyl-[acyl-carrier-protein] reductase [NADH]'
2 non-polymer GLYCEROL
3 water water
#
_entity_poly.entity_id   1
_entity_poly.type   'polypeptide(L)'
_entity_poly.pdbx_seq_one_letter_code
;MGSSHHHHHHSSGLVPRGSHMAYNLLKGKKGLIFGALNEQSIAWKVAERAVEEGAEIVLTNTAVSIRMGTIGRLAEKCNT
IVVPADATSVEDLENLIDKTMEHFGGKFDFMLHSIGMSPNVRKGRTYDDLDYDYLSKTLDISAISFHKAIQVARKKDAIN
DWGSIVALSYIAAQRTLYGYNDMADAKALLESIARSFGYIYGREKHVRINTVSQSPTPTTAGSGVLGMGDLMNFAENMSP
LGNASANDCADYVLTLFSDLTRKVTMQNLYHDGGFASMGMSRRAMKTYEKGMRFEDVHQNQYPFGENAE
;
_entity_poly.pdbx_strand_id   A,B
#
loop_
_chem_comp.id
_chem_comp.type
_chem_comp.name
_chem_comp.formula
GOL non-polymer GLYCEROL 'C3 H8 O3'
#
# COMPACT_ATOMS: atom_id res chain seq x y z
N ALA A 22 -21.30 3.19 -30.02
CA ALA A 22 -20.47 4.21 -30.75
C ALA A 22 -20.95 5.63 -30.43
N TYR A 23 -20.47 6.21 -29.33
CA TYR A 23 -20.87 7.54 -28.81
C TYR A 23 -19.88 8.62 -29.29
N ASN A 24 -18.77 8.21 -29.93
CA ASN A 24 -17.63 9.12 -30.21
C ASN A 24 -17.14 9.79 -28.93
N LEU A 25 -17.11 9.05 -27.81
CA LEU A 25 -16.70 9.59 -26.48
C LEU A 25 -15.28 10.16 -26.50
N LEU A 26 -14.37 9.57 -27.28
CA LEU A 26 -12.92 9.88 -27.23
C LEU A 26 -12.48 10.45 -28.59
N LYS A 27 -13.36 11.14 -29.31
CA LYS A 27 -13.03 11.80 -30.60
C LYS A 27 -11.92 12.81 -30.33
N GLY A 28 -10.81 12.72 -31.08
CA GLY A 28 -9.68 13.66 -31.01
C GLY A 28 -8.70 13.31 -29.89
N LYS A 29 -8.95 12.24 -29.15
CA LYS A 29 -8.08 11.88 -28.00
C LYS A 29 -7.05 10.85 -28.45
N LYS A 30 -5.91 10.82 -27.75
CA LYS A 30 -4.76 9.91 -28.03
C LYS A 30 -4.39 9.18 -26.74
N GLY A 31 -4.09 7.88 -26.83
CA GLY A 31 -3.87 7.02 -25.65
C GLY A 31 -2.69 6.08 -25.81
N LEU A 32 -2.03 5.76 -24.70
CA LEU A 32 -1.04 4.67 -24.58
C LEU A 32 -1.61 3.55 -23.70
N ILE A 33 -1.59 2.32 -24.19
CA ILE A 33 -2.22 1.16 -23.49
C ILE A 33 -1.17 0.06 -23.25
N PHE A 34 -0.90 -0.23 -21.97
CA PHE A 34 -0.05 -1.36 -21.51
C PHE A 34 -0.91 -2.59 -21.27
N GLY A 35 -0.36 -3.80 -21.47
CA GLY A 35 -0.89 -5.05 -20.90
C GLY A 35 -1.86 -5.81 -21.79
N ALA A 36 -2.03 -5.41 -23.05
CA ALA A 36 -2.87 -6.15 -24.01
C ALA A 36 -2.11 -7.41 -24.40
N LEU A 37 -2.59 -8.58 -23.98
CA LEU A 37 -1.95 -9.89 -24.28
C LEU A 37 -2.75 -10.60 -25.38
N ASN A 38 -4.04 -10.83 -25.14
CA ASN A 38 -4.93 -11.65 -26.00
C ASN A 38 -6.33 -11.00 -26.03
N GLU A 39 -7.21 -11.54 -26.89
CA GLU A 39 -8.58 -11.05 -27.11
C GLU A 39 -9.35 -10.92 -25.79
N GLN A 40 -9.01 -11.73 -24.78
CA GLN A 40 -9.71 -11.79 -23.47
C GLN A 40 -9.21 -10.70 -22.51
N SER A 41 -8.06 -10.08 -22.78
CA SER A 41 -7.42 -9.04 -21.93
C SER A 41 -8.33 -7.81 -21.81
N ILE A 42 -8.44 -7.23 -20.62
CA ILE A 42 -9.18 -5.94 -20.43
C ILE A 42 -8.53 -4.86 -21.30
N ALA A 43 -7.19 -4.80 -21.29
CA ALA A 43 -6.42 -3.78 -22.04
C ALA A 43 -6.70 -3.91 -23.56
N TRP A 44 -6.86 -5.14 -24.05
CA TRP A 44 -7.17 -5.43 -25.47
C TRP A 44 -8.54 -4.82 -25.80
N LYS A 45 -9.52 -5.06 -24.94
CA LYS A 45 -10.93 -4.61 -25.13
C LYS A 45 -10.98 -3.09 -24.99
N VAL A 46 -10.19 -2.53 -24.08
CA VAL A 46 -10.07 -1.05 -23.94
C VAL A 46 -9.52 -0.45 -25.24
N ALA A 47 -8.47 -1.05 -25.82
CA ALA A 47 -7.86 -0.55 -27.06
C ALA A 47 -8.89 -0.52 -28.19
N GLU A 48 -9.64 -1.61 -28.39
CA GLU A 48 -10.55 -1.72 -29.56
C GLU A 48 -11.80 -0.84 -29.33
N ARG A 49 -12.30 -0.80 -28.09
CA ARG A 49 -13.44 0.10 -27.72
C ARG A 49 -12.99 1.57 -27.83
N ALA A 50 -11.78 1.90 -27.40
CA ALA A 50 -11.27 3.29 -27.40
C ALA A 50 -11.19 3.78 -28.86
N VAL A 51 -10.77 2.91 -29.77
CA VAL A 51 -10.69 3.26 -31.23
C VAL A 51 -12.11 3.41 -31.78
N GLU A 52 -13.03 2.52 -31.40
CA GLU A 52 -14.47 2.58 -31.78
C GLU A 52 -15.05 3.94 -31.38
N GLU A 53 -14.59 4.50 -30.25
CA GLU A 53 -15.09 5.78 -29.66
C GLU A 53 -14.28 6.95 -30.21
N GLY A 54 -13.40 6.69 -31.17
CA GLY A 54 -12.73 7.73 -31.99
C GLY A 54 -11.37 8.12 -31.47
N ALA A 55 -10.78 7.34 -30.57
CA ALA A 55 -9.41 7.60 -30.07
C ALA A 55 -8.39 7.02 -31.07
N GLU A 56 -7.21 7.64 -31.12
CA GLU A 56 -5.97 7.03 -31.67
C GLU A 56 -5.21 6.43 -30.49
N ILE A 57 -4.61 5.26 -30.64
CA ILE A 57 -3.85 4.63 -29.52
C ILE A 57 -2.49 4.15 -30.03
N VAL A 58 -1.56 3.93 -29.08
CA VAL A 58 -0.30 3.18 -29.23
C VAL A 58 -0.34 2.02 -28.22
N LEU A 59 0.02 0.81 -28.66
CA LEU A 59 0.09 -0.41 -27.80
C LEU A 59 1.55 -0.63 -27.35
N THR A 60 1.74 -1.22 -26.18
CA THR A 60 3.07 -1.61 -25.67
C THR A 60 2.92 -2.93 -24.90
N ASN A 61 3.89 -3.82 -25.06
CA ASN A 61 4.06 -5.01 -24.18
C ASN A 61 5.53 -5.42 -24.28
N THR A 62 5.90 -6.49 -23.60
CA THR A 62 7.30 -6.99 -23.62
C THR A 62 7.62 -7.46 -25.04
N ALA A 63 8.90 -7.40 -25.43
CA ALA A 63 9.42 -7.95 -26.69
C ALA A 63 8.92 -9.39 -26.85
N VAL A 64 8.99 -10.19 -25.79
CA VAL A 64 8.63 -11.65 -25.85
C VAL A 64 7.14 -11.76 -26.16
N SER A 65 6.30 -10.96 -25.49
CA SER A 65 4.82 -10.92 -25.74
C SER A 65 4.56 -10.63 -27.22
N ILE A 66 5.19 -9.59 -27.75
CA ILE A 66 5.03 -9.17 -29.17
C ILE A 66 5.43 -10.34 -30.08
N ARG A 67 6.54 -11.02 -29.77
CA ARG A 67 7.14 -12.07 -30.65
C ARG A 67 6.15 -13.24 -30.79
N MET A 68 5.28 -13.47 -29.80
CA MET A 68 4.34 -14.63 -29.82
C MET A 68 3.25 -14.40 -30.88
N GLY A 69 3.08 -13.17 -31.35
CA GLY A 69 2.32 -12.83 -32.58
C GLY A 69 0.89 -12.36 -32.31
N THR A 70 0.38 -12.48 -31.07
CA THR A 70 -1.06 -12.20 -30.77
C THR A 70 -1.38 -10.70 -30.82
N ILE A 71 -0.61 -9.85 -30.15
CA ILE A 71 -0.88 -8.38 -30.02
C ILE A 71 -0.79 -7.69 -31.39
N GLY A 72 0.07 -8.16 -32.30
CA GLY A 72 0.15 -7.61 -33.67
C GLY A 72 -1.21 -7.59 -34.35
N ARG A 73 -2.07 -8.58 -34.06
CA ARG A 73 -3.46 -8.67 -34.59
C ARG A 73 -4.25 -7.43 -34.12
N LEU A 74 -4.05 -7.00 -32.87
CA LEU A 74 -4.78 -5.85 -32.27
C LEU A 74 -4.27 -4.53 -32.87
N ALA A 75 -2.96 -4.39 -33.06
CA ALA A 75 -2.34 -3.17 -33.61
C ALA A 75 -2.84 -2.94 -35.05
N GLU A 76 -3.06 -4.01 -35.82
CA GLU A 76 -3.55 -3.91 -37.22
C GLU A 76 -4.99 -3.40 -37.19
N LYS A 77 -5.83 -4.05 -36.38
CA LYS A 77 -7.26 -3.68 -36.20
C LYS A 77 -7.37 -2.22 -35.74
N CYS A 78 -6.54 -1.80 -34.77
CA CYS A 78 -6.52 -0.42 -34.21
C CYS A 78 -5.70 0.52 -35.09
N ASN A 79 -5.20 0.03 -36.24
CA ASN A 79 -4.46 0.86 -37.23
C ASN A 79 -3.29 1.60 -36.55
N THR A 80 -2.42 0.89 -35.84
CA THR A 80 -1.35 1.53 -35.04
C THR A 80 -0.14 0.58 -34.91
N ILE A 81 0.79 0.95 -34.01
CA ILE A 81 2.07 0.22 -33.76
C ILE A 81 2.04 -0.38 -32.35
N VAL A 82 2.83 -1.43 -32.14
CA VAL A 82 3.16 -1.99 -30.79
C VAL A 82 4.63 -1.69 -30.54
N VAL A 83 4.94 -0.96 -29.48
CA VAL A 83 6.31 -0.59 -29.06
C VAL A 83 6.71 -1.53 -27.93
N PRO A 84 7.84 -2.26 -28.09
CA PRO A 84 8.30 -3.18 -27.05
C PRO A 84 8.85 -2.40 -25.86
N ALA A 85 8.51 -2.84 -24.65
CA ALA A 85 9.01 -2.22 -23.41
C ALA A 85 8.82 -3.19 -22.25
N ASP A 86 9.88 -3.37 -21.46
CA ASP A 86 9.79 -3.87 -20.06
C ASP A 86 9.32 -2.68 -19.22
N ALA A 87 8.09 -2.70 -18.70
CA ALA A 87 7.50 -1.59 -17.92
C ALA A 87 8.19 -1.40 -16.56
N THR A 88 9.13 -2.27 -16.17
CA THR A 88 9.95 -2.10 -14.96
C THR A 88 11.26 -1.38 -15.30
N SER A 89 11.52 -1.16 -16.59
CA SER A 89 12.76 -0.52 -17.08
C SER A 89 12.49 0.93 -17.43
N VAL A 90 13.06 1.87 -16.67
CA VAL A 90 12.94 3.33 -16.93
C VAL A 90 13.49 3.63 -18.33
N GLU A 91 14.63 3.02 -18.70
CA GLU A 91 15.22 3.19 -20.06
C GLU A 91 14.21 2.78 -21.13
N ASP A 92 13.56 1.62 -21.01
CA ASP A 92 12.57 1.13 -22.00
C ASP A 92 11.38 2.11 -22.03
N LEU A 93 10.96 2.58 -20.86
CA LEU A 93 9.78 3.50 -20.77
C LEU A 93 10.12 4.84 -21.43
N GLU A 94 11.37 5.30 -21.28
CA GLU A 94 11.84 6.54 -21.94
C GLU A 94 11.70 6.36 -23.45
N ASN A 95 12.22 5.25 -24.00
CA ASN A 95 12.12 4.90 -25.44
C ASN A 95 10.65 4.86 -25.85
N LEU A 96 9.79 4.21 -25.06
CA LEU A 96 8.36 4.03 -25.37
C LEU A 96 7.67 5.39 -25.53
N ILE A 97 7.87 6.28 -24.56
CA ILE A 97 7.19 7.61 -24.52
C ILE A 97 7.70 8.43 -25.72
N ASP A 98 8.99 8.32 -26.04
CA ASP A 98 9.56 8.99 -27.24
C ASP A 98 8.84 8.48 -28.50
N LYS A 99 8.72 7.16 -28.68
CA LYS A 99 8.13 6.55 -29.90
C LYS A 99 6.64 6.87 -30.00
N THR A 100 5.95 6.84 -28.86
CA THR A 100 4.51 7.15 -28.74
C THR A 100 4.26 8.60 -29.21
N MET A 101 5.01 9.54 -28.64
CA MET A 101 4.90 10.98 -28.98
C MET A 101 5.30 11.21 -30.44
N GLU A 102 6.21 10.43 -31.00
CA GLU A 102 6.59 10.54 -32.44
C GLU A 102 5.41 10.06 -33.29
N HIS A 103 4.81 8.92 -32.93
CA HIS A 103 3.67 8.32 -33.66
C HIS A 103 2.52 9.34 -33.72
N PHE A 104 2.24 10.02 -32.61
CA PHE A 104 1.07 10.91 -32.47
C PHE A 104 1.37 12.30 -32.99
N GLY A 105 2.67 12.65 -33.11
CA GLY A 105 3.14 14.00 -33.45
C GLY A 105 3.08 14.95 -32.26
N GLY A 106 3.28 14.45 -31.05
CA GLY A 106 3.30 15.26 -29.81
C GLY A 106 2.55 14.58 -28.67
N LYS A 107 1.90 15.37 -27.81
CA LYS A 107 1.36 14.88 -26.51
C LYS A 107 0.12 14.00 -26.75
N PHE A 108 -0.23 13.15 -25.76
CA PHE A 108 -1.44 12.30 -25.76
C PHE A 108 -2.24 12.55 -24.48
N ASP A 109 -3.40 11.92 -24.35
CA ASP A 109 -4.42 12.35 -23.34
C ASP A 109 -4.53 11.30 -22.24
N PHE A 110 -4.51 10.02 -22.59
CA PHE A 110 -4.82 8.95 -21.59
C PHE A 110 -3.80 7.81 -21.64
N MET A 111 -3.79 7.02 -20.57
CA MET A 111 -2.86 5.89 -20.38
C MET A 111 -3.54 4.84 -19.52
N LEU A 112 -3.53 3.58 -19.96
CA LEU A 112 -4.03 2.44 -19.17
C LEU A 112 -2.84 1.58 -18.77
N HIS A 113 -2.67 1.36 -17.46
CA HIS A 113 -1.73 0.41 -16.86
C HIS A 113 -2.51 -0.85 -16.47
N SER A 114 -2.20 -1.99 -17.08
CA SER A 114 -2.89 -3.27 -16.84
C SER A 114 -1.84 -4.38 -16.84
N ILE A 115 -0.93 -4.32 -15.87
CA ILE A 115 0.24 -5.23 -15.69
C ILE A 115 0.21 -5.78 -14.25
N GLY A 116 0.68 -6.99 -14.05
CA GLY A 116 0.79 -7.54 -12.68
C GLY A 116 1.04 -9.03 -12.72
N MET A 117 2.01 -9.48 -11.94
CA MET A 117 2.50 -10.88 -11.92
C MET A 117 3.26 -11.03 -10.60
N SER A 118 3.17 -12.21 -9.97
CA SER A 118 3.90 -12.55 -8.72
C SER A 118 4.66 -13.85 -8.94
N PRO A 119 6.01 -13.82 -8.99
CA PRO A 119 6.81 -15.05 -8.99
C PRO A 119 6.53 -15.95 -7.78
N ASN A 120 6.15 -15.34 -6.63
CA ASN A 120 5.79 -16.09 -5.41
C ASN A 120 4.55 -16.94 -5.68
N VAL A 121 3.52 -16.36 -6.31
CA VAL A 121 2.29 -17.09 -6.71
C VAL A 121 2.65 -18.16 -7.73
N ARG A 122 3.43 -17.81 -8.76
CA ARG A 122 3.75 -18.74 -9.88
C ARG A 122 4.45 -19.98 -9.32
N LYS A 123 5.31 -19.81 -8.33
CA LYS A 123 6.14 -20.90 -7.74
C LYS A 123 5.41 -21.55 -6.57
N GLY A 124 4.17 -21.14 -6.28
CA GLY A 124 3.31 -21.74 -5.25
C GLY A 124 3.85 -21.53 -3.85
N ARG A 125 4.56 -20.44 -3.60
CA ARG A 125 5.08 -20.07 -2.26
C ARG A 125 3.90 -19.60 -1.41
N THR A 126 3.77 -20.09 -0.17
CA THR A 126 2.77 -19.60 0.79
C THR A 126 3.19 -18.19 1.24
N TYR A 127 2.26 -17.42 1.81
CA TYR A 127 2.53 -16.01 2.18
C TYR A 127 3.52 -15.93 3.35
N ASP A 128 3.63 -16.99 4.14
CA ASP A 128 4.55 -17.06 5.32
C ASP A 128 5.81 -17.82 4.90
N ASP A 129 6.05 -17.96 3.61
CA ASP A 129 7.29 -18.55 3.03
C ASP A 129 7.63 -17.78 1.74
N LEU A 130 7.54 -16.45 1.77
CA LEU A 130 7.86 -15.63 0.57
C LEU A 130 9.36 -15.69 0.30
N ASP A 131 9.72 -15.62 -0.97
CA ASP A 131 11.06 -15.24 -1.44
C ASP A 131 11.03 -13.72 -1.64
N TYR A 132 11.98 -13.02 -1.05
CA TYR A 132 11.98 -11.54 -1.00
C TYR A 132 12.51 -10.96 -2.31
N ASP A 133 13.27 -11.73 -3.10
CA ASP A 133 13.64 -11.31 -4.48
C ASP A 133 12.39 -11.43 -5.37
N TYR A 134 11.63 -12.50 -5.19
CA TYR A 134 10.32 -12.71 -5.88
C TYR A 134 9.39 -11.55 -5.50
N LEU A 135 9.33 -11.18 -4.21
CA LEU A 135 8.40 -10.11 -3.72
C LEU A 135 8.81 -8.78 -4.38
N SER A 136 10.12 -8.52 -4.48
CA SER A 136 10.63 -7.31 -5.16
C SER A 136 10.10 -7.24 -6.60
N LYS A 137 10.11 -8.37 -7.30
CA LYS A 137 9.61 -8.44 -8.70
C LYS A 137 8.10 -8.21 -8.69
N THR A 138 7.40 -8.89 -7.79
CA THR A 138 5.92 -8.70 -7.67
C THR A 138 5.59 -7.20 -7.58
N LEU A 139 6.18 -6.51 -6.61
CA LEU A 139 5.93 -5.07 -6.34
C LEU A 139 6.34 -4.23 -7.55
N ASP A 140 7.46 -4.58 -8.20
CA ASP A 140 8.00 -3.79 -9.32
C ASP A 140 7.06 -3.92 -10.53
N ILE A 141 6.70 -5.15 -10.92
CA ILE A 141 5.86 -5.39 -12.12
C ILE A 141 4.45 -4.85 -11.88
N SER A 142 3.90 -5.08 -10.68
CA SER A 142 2.44 -4.97 -10.39
C SER A 142 2.11 -3.56 -9.87
N ALA A 143 3.10 -2.80 -9.38
CA ALA A 143 2.83 -1.50 -8.71
C ALA A 143 3.82 -0.42 -9.13
N ILE A 144 5.11 -0.61 -8.84
CA ILE A 144 6.15 0.44 -9.08
C ILE A 144 6.23 0.78 -10.58
N SER A 145 6.02 -0.19 -11.47
CA SER A 145 5.91 0.01 -12.94
C SER A 145 4.94 1.14 -13.26
N PHE A 146 3.86 1.28 -12.48
CA PHE A 146 2.88 2.37 -12.66
C PHE A 146 3.54 3.74 -12.38
N HIS A 147 4.22 3.86 -11.24
CA HIS A 147 4.99 5.08 -10.89
C HIS A 147 6.00 5.38 -12.01
N LYS A 148 6.73 4.35 -12.43
CA LYS A 148 7.81 4.51 -13.45
C LYS A 148 7.23 5.12 -14.74
N ALA A 149 6.11 4.59 -15.22
CA ALA A 149 5.48 5.02 -16.48
C ALA A 149 5.00 6.47 -16.34
N ILE A 150 4.38 6.79 -15.20
CA ILE A 150 3.83 8.16 -14.95
C ILE A 150 4.98 9.17 -14.87
N GLN A 151 6.03 8.85 -14.12
CA GLN A 151 7.18 9.75 -13.89
C GLN A 151 7.91 10.01 -15.21
N VAL A 152 8.12 8.98 -16.03
CA VAL A 152 8.77 9.17 -17.37
C VAL A 152 7.88 10.07 -18.23
N ALA A 153 6.57 9.83 -18.22
CA ALA A 153 5.56 10.63 -18.98
C ALA A 153 5.61 12.08 -18.50
N ARG A 154 5.64 12.31 -17.19
CA ARG A 154 5.69 13.66 -16.59
C ARG A 154 6.96 14.39 -17.03
N LYS A 155 8.11 13.72 -16.96
CA LYS A 155 9.43 14.35 -17.29
C LYS A 155 9.47 14.75 -18.76
N LYS A 156 8.82 14.00 -19.64
CA LYS A 156 8.81 14.27 -21.10
C LYS A 156 7.63 15.18 -21.45
N ASP A 157 6.88 15.60 -20.43
CA ASP A 157 5.60 16.35 -20.59
C ASP A 157 4.77 15.70 -21.71
N ALA A 158 4.48 14.38 -21.59
CA ALA A 158 3.87 13.58 -22.67
C ALA A 158 2.35 13.71 -22.71
N ILE A 159 1.75 14.15 -21.59
CA ILE A 159 0.28 14.04 -21.34
C ILE A 159 -0.33 15.45 -21.31
N ASN A 160 -1.38 15.63 -22.11
CA ASN A 160 -2.11 16.93 -22.25
C ASN A 160 -2.76 17.27 -20.92
N ASP A 161 -2.90 18.57 -20.62
CA ASP A 161 -3.72 19.04 -19.47
C ASP A 161 -5.08 18.31 -19.50
N TRP A 162 -5.57 17.93 -18.32
CA TRP A 162 -6.89 17.26 -18.14
C TRP A 162 -6.86 15.86 -18.77
N GLY A 163 -5.66 15.30 -18.93
CA GLY A 163 -5.49 13.89 -19.32
C GLY A 163 -5.99 12.95 -18.24
N SER A 164 -5.96 11.65 -18.50
CA SER A 164 -6.56 10.63 -17.60
C SER A 164 -5.66 9.38 -17.59
N ILE A 165 -5.25 8.94 -16.40
CA ILE A 165 -4.43 7.71 -16.21
C ILE A 165 -5.24 6.74 -15.34
N VAL A 166 -5.40 5.51 -15.81
CA VAL A 166 -6.10 4.42 -15.06
C VAL A 166 -5.16 3.21 -14.90
N ALA A 167 -5.15 2.60 -13.71
CA ALA A 167 -4.57 1.26 -13.47
C ALA A 167 -5.66 0.32 -12.96
N LEU A 168 -5.57 -0.96 -13.30
CA LEU A 168 -6.55 -1.98 -12.83
C LEU A 168 -6.09 -2.57 -11.51
N SER A 169 -7.01 -2.70 -10.56
CA SER A 169 -6.72 -3.23 -9.22
C SER A 169 -7.78 -4.28 -8.85
N TYR A 170 -7.73 -4.73 -7.60
CA TYR A 170 -8.63 -5.79 -7.09
C TYR A 170 -8.76 -5.60 -5.58
N ILE A 171 -9.93 -5.93 -5.04
CA ILE A 171 -10.35 -5.63 -3.64
C ILE A 171 -9.48 -6.34 -2.60
N ALA A 172 -8.64 -7.30 -3.02
CA ALA A 172 -7.60 -7.89 -2.11
C ALA A 172 -6.71 -6.80 -1.51
N ALA A 173 -6.61 -5.65 -2.17
CA ALA A 173 -5.94 -4.43 -1.67
C ALA A 173 -6.51 -3.98 -0.33
N GLN A 174 -7.80 -4.26 -0.07
CA GLN A 174 -8.51 -3.85 1.18
C GLN A 174 -8.85 -5.04 2.07
N ARG A 175 -9.20 -6.17 1.45
CA ARG A 175 -9.78 -7.36 2.13
C ARG A 175 -9.08 -8.64 1.68
N THR A 176 -8.59 -9.42 2.63
CA THR A 176 -7.62 -10.52 2.39
C THR A 176 -8.30 -11.70 1.69
N LEU A 177 -7.71 -12.18 0.59
CA LEU A 177 -8.16 -13.44 -0.08
C LEU A 177 -7.03 -14.46 0.07
N TYR A 178 -7.29 -15.56 0.78
CA TYR A 178 -6.31 -16.66 0.98
C TYR A 178 -5.74 -17.03 -0.40
N GLY A 179 -4.41 -17.10 -0.50
CA GLY A 179 -3.81 -17.55 -1.77
C GLY A 179 -3.62 -16.45 -2.82
N TYR A 180 -4.21 -15.27 -2.67
CA TYR A 180 -3.91 -14.13 -3.58
C TYR A 180 -2.49 -13.65 -3.29
N ASN A 181 -2.00 -13.87 -2.06
CA ASN A 181 -0.55 -13.88 -1.73
C ASN A 181 -0.04 -12.42 -1.72
N ASP A 182 1.20 -12.18 -2.16
CA ASP A 182 1.82 -10.83 -2.16
C ASP A 182 1.18 -9.91 -3.18
N MET A 183 0.35 -10.42 -4.11
CA MET A 183 -0.36 -9.58 -5.11
C MET A 183 -1.34 -8.64 -4.38
N ALA A 184 -1.88 -9.06 -3.23
CA ALA A 184 -2.79 -8.20 -2.42
C ALA A 184 -2.04 -6.94 -1.99
N ASP A 185 -0.80 -7.11 -1.49
CA ASP A 185 0.05 -6.00 -0.99
C ASP A 185 0.46 -5.10 -2.17
N ALA A 186 0.75 -5.70 -3.32
CA ALA A 186 1.12 -4.97 -4.56
C ALA A 186 -0.06 -4.09 -4.99
N LYS A 187 -1.28 -4.62 -4.92
CA LYS A 187 -2.49 -3.83 -5.27
C LYS A 187 -2.67 -2.67 -4.29
N ALA A 188 -2.43 -2.89 -2.99
CA ALA A 188 -2.53 -1.81 -1.97
C ALA A 188 -1.51 -0.72 -2.33
N LEU A 189 -0.32 -1.13 -2.79
CA LEU A 189 0.75 -0.15 -3.13
C LEU A 189 0.35 0.60 -4.40
N LEU A 190 -0.14 -0.11 -5.41
CA LEU A 190 -0.59 0.48 -6.71
C LEU A 190 -1.64 1.57 -6.43
N GLU A 191 -2.63 1.24 -5.58
CA GLU A 191 -3.75 2.17 -5.29
C GLU A 191 -3.20 3.43 -4.60
N SER A 192 -2.19 3.28 -3.76
CA SER A 192 -1.55 4.40 -3.05
C SER A 192 -0.79 5.29 -4.04
N ILE A 193 -0.07 4.67 -4.98
CA ILE A 193 0.64 5.43 -6.06
C ILE A 193 -0.37 6.30 -6.83
N ALA A 194 -1.56 5.77 -7.09
CA ALA A 194 -2.59 6.55 -7.84
C ALA A 194 -2.91 7.83 -7.08
N ARG A 195 -3.00 7.75 -5.75
CA ARG A 195 -3.30 8.93 -4.91
C ARG A 195 -2.08 9.86 -4.89
N SER A 196 -0.93 9.30 -4.52
CA SER A 196 0.34 10.07 -4.37
C SER A 196 0.59 10.85 -5.67
N PHE A 197 0.49 10.17 -6.81
CA PHE A 197 0.82 10.77 -8.13
C PHE A 197 -0.34 11.60 -8.64
N GLY A 198 -1.58 11.19 -8.32
CA GLY A 198 -2.79 11.95 -8.64
C GLY A 198 -2.66 13.38 -8.15
N TYR A 199 -2.20 13.55 -6.92
CA TYR A 199 -2.09 14.89 -6.31
C TYR A 199 -1.08 15.72 -7.12
N ILE A 200 0.09 15.12 -7.34
CA ILE A 200 1.24 15.83 -7.97
C ILE A 200 0.88 16.19 -9.42
N TYR A 201 0.38 15.24 -10.21
CA TYR A 201 0.07 15.46 -11.66
C TYR A 201 -1.18 16.34 -11.78
N GLY A 202 -2.06 16.29 -10.77
CA GLY A 202 -3.34 17.01 -10.79
C GLY A 202 -3.12 18.50 -10.51
N ARG A 203 -2.35 18.81 -9.50
CA ARG A 203 -2.24 20.23 -9.07
C ARG A 203 -1.69 21.12 -10.18
N GLU A 204 -0.78 20.58 -10.98
CA GLU A 204 -0.08 21.30 -12.07
C GLU A 204 -0.98 21.28 -13.32
N LYS A 205 -1.06 20.10 -13.94
CA LYS A 205 -1.57 19.90 -15.31
C LYS A 205 -3.00 19.34 -15.31
N HIS A 206 -3.60 19.21 -14.14
CA HIS A 206 -5.02 18.78 -13.96
C HIS A 206 -5.23 17.39 -14.56
N VAL A 207 -4.18 16.56 -14.59
CA VAL A 207 -4.26 15.14 -15.03
C VAL A 207 -4.86 14.32 -13.88
N ARG A 208 -5.92 13.57 -14.14
CA ARG A 208 -6.56 12.71 -13.13
C ARG A 208 -5.93 11.31 -13.18
N ILE A 209 -5.75 10.69 -12.02
CA ILE A 209 -5.21 9.32 -11.87
C ILE A 209 -6.15 8.56 -10.93
N ASN A 210 -6.65 7.42 -11.39
CA ASN A 210 -7.61 6.56 -10.64
C ASN A 210 -7.25 5.09 -10.82
N THR A 211 -7.65 4.25 -9.87
CA THR A 211 -7.64 2.78 -10.03
C THR A 211 -9.08 2.31 -10.19
N VAL A 212 -9.28 1.31 -11.06
CA VAL A 212 -10.57 0.60 -11.22
C VAL A 212 -10.38 -0.77 -10.57
N SER A 213 -11.13 -1.03 -9.48
CA SER A 213 -11.08 -2.29 -8.72
C SER A 213 -12.12 -3.23 -9.34
N GLN A 214 -11.66 -4.14 -10.17
CA GLN A 214 -12.46 -4.92 -11.14
C GLN A 214 -12.83 -6.25 -10.46
N SER A 215 -13.94 -6.87 -10.88
CA SER A 215 -14.32 -8.24 -10.49
C SER A 215 -13.19 -9.22 -10.79
N PRO A 216 -13.19 -10.40 -10.16
CA PRO A 216 -12.31 -11.49 -10.60
C PRO A 216 -12.87 -11.93 -11.97
N ASP A 230 -14.86 -22.03 -5.39
CA ASP A 230 -14.50 -21.16 -6.54
C ASP A 230 -14.87 -19.70 -6.26
N LEU A 231 -13.90 -18.81 -6.41
CA LEU A 231 -14.02 -17.37 -6.07
C LEU A 231 -14.95 -16.70 -7.05
N MET A 232 -14.81 -17.05 -8.33
CA MET A 232 -15.61 -16.47 -9.45
C MET A 232 -17.09 -16.66 -9.11
N ASN A 233 -17.45 -17.87 -8.67
CA ASN A 233 -18.88 -18.21 -8.42
C ASN A 233 -19.35 -17.45 -7.17
N PHE A 234 -18.53 -17.43 -6.13
CA PHE A 234 -18.84 -16.73 -4.86
C PHE A 234 -19.10 -15.25 -5.15
N ALA A 235 -18.21 -14.61 -5.91
CA ALA A 235 -18.33 -13.17 -6.24
C ALA A 235 -19.55 -12.92 -7.14
N GLU A 236 -19.83 -13.82 -8.09
CA GLU A 236 -21.00 -13.74 -8.98
C GLU A 236 -22.29 -13.71 -8.13
N ASN A 237 -22.39 -14.63 -7.17
CA ASN A 237 -23.63 -14.82 -6.36
C ASN A 237 -23.73 -13.73 -5.29
N MET A 238 -22.60 -13.27 -4.75
CA MET A 238 -22.57 -12.18 -3.74
C MET A 238 -23.00 -10.86 -4.38
N SER A 239 -22.61 -10.61 -5.63
CA SER A 239 -22.83 -9.31 -6.33
C SER A 239 -24.25 -9.27 -6.89
N PRO A 240 -25.10 -8.29 -6.51
CA PRO A 240 -26.46 -8.27 -7.02
C PRO A 240 -26.55 -8.27 -8.56
N LEU A 241 -25.59 -7.65 -9.25
CA LEU A 241 -25.63 -7.57 -10.74
C LEU A 241 -24.79 -8.69 -11.38
N GLY A 242 -24.20 -9.54 -10.57
CA GLY A 242 -23.21 -10.53 -11.05
C GLY A 242 -21.85 -9.88 -11.26
N ASN A 243 -20.86 -10.67 -11.62
CA ASN A 243 -19.49 -10.15 -11.84
C ASN A 243 -19.48 -9.26 -13.09
N ALA A 244 -18.67 -8.20 -13.07
CA ALA A 244 -18.36 -7.39 -14.26
C ALA A 244 -17.47 -8.23 -15.18
N SER A 245 -17.77 -8.22 -16.49
CA SER A 245 -16.93 -8.86 -17.54
C SER A 245 -15.83 -7.89 -17.96
N ALA A 246 -14.86 -8.36 -18.74
CA ALA A 246 -13.79 -7.52 -19.30
C ALA A 246 -14.40 -6.47 -20.24
N ASN A 247 -15.43 -6.85 -21.00
CA ASN A 247 -16.19 -5.92 -21.88
C ASN A 247 -16.76 -4.79 -21.01
N ASP A 248 -17.40 -5.17 -19.90
CA ASP A 248 -18.01 -4.22 -18.93
C ASP A 248 -16.93 -3.24 -18.46
N CYS A 249 -15.76 -3.77 -18.09
CA CYS A 249 -14.65 -2.97 -17.50
C CYS A 249 -14.13 -1.98 -18.54
N ALA A 250 -13.98 -2.42 -19.79
CA ALA A 250 -13.58 -1.58 -20.93
C ALA A 250 -14.51 -0.36 -21.08
N ASP A 251 -15.81 -0.61 -21.00
CA ASP A 251 -16.85 0.45 -21.10
C ASP A 251 -16.65 1.45 -19.96
N TYR A 252 -16.39 0.99 -18.73
CA TYR A 252 -16.27 1.87 -17.55
C TYR A 252 -15.01 2.72 -17.67
N VAL A 253 -13.91 2.09 -18.10
CA VAL A 253 -12.62 2.80 -18.33
C VAL A 253 -12.78 3.91 -19.38
N LEU A 254 -13.60 3.69 -20.43
CA LEU A 254 -13.89 4.73 -21.46
C LEU A 254 -14.43 5.99 -20.79
N THR A 255 -15.30 5.84 -19.78
CA THR A 255 -15.90 7.00 -19.07
C THR A 255 -14.79 7.80 -18.41
N LEU A 256 -13.80 7.12 -17.83
CA LEU A 256 -12.68 7.76 -17.08
C LEU A 256 -11.72 8.48 -18.03
N PHE A 257 -11.62 8.05 -19.30
CA PHE A 257 -10.82 8.72 -20.36
C PHE A 257 -11.60 9.86 -21.00
N SER A 258 -12.94 9.84 -20.88
CA SER A 258 -13.84 10.87 -21.45
C SER A 258 -13.77 12.16 -20.63
N ASP A 259 -14.22 13.26 -21.21
CA ASP A 259 -14.25 14.60 -20.57
C ASP A 259 -15.31 14.64 -19.45
N LEU A 260 -16.18 13.63 -19.38
CA LEU A 260 -17.34 13.62 -18.45
C LEU A 260 -16.86 13.30 -17.03
N THR A 261 -15.61 12.83 -16.85
CA THR A 261 -15.06 12.44 -15.53
C THR A 261 -13.89 13.33 -15.12
N ARG A 262 -13.79 14.54 -15.69
CA ARG A 262 -12.64 15.46 -15.50
C ARG A 262 -12.34 15.74 -14.02
N LYS A 263 -13.34 15.74 -13.12
CA LYS A 263 -13.13 16.08 -11.70
C LYS A 263 -13.03 14.84 -10.79
N VAL A 264 -12.93 13.65 -11.39
CA VAL A 264 -12.77 12.36 -10.65
C VAL A 264 -11.28 12.02 -10.65
N THR A 265 -10.64 12.06 -9.49
CA THR A 265 -9.20 11.76 -9.34
C THR A 265 -8.87 11.18 -7.96
N MET A 266 -7.83 10.34 -7.91
CA MET A 266 -7.27 9.78 -6.66
C MET A 266 -8.32 8.82 -6.06
N GLN A 267 -9.18 8.25 -6.92
CA GLN A 267 -10.24 7.32 -6.46
C GLN A 267 -9.85 5.88 -6.77
N ASN A 268 -10.28 4.97 -5.91
CA ASN A 268 -10.28 3.51 -6.19
C ASN A 268 -11.73 3.10 -6.46
N LEU A 269 -12.09 2.87 -7.73
CA LEU A 269 -13.49 2.77 -8.21
C LEU A 269 -13.86 1.29 -8.37
N TYR A 270 -14.73 0.79 -7.49
CA TYR A 270 -15.19 -0.61 -7.54
C TYR A 270 -16.08 -0.77 -8.76
N HIS A 271 -15.74 -1.74 -9.60
CA HIS A 271 -16.49 -2.08 -10.84
C HIS A 271 -16.75 -3.57 -10.79
N ASP A 272 -17.75 -4.00 -10.03
CA ASP A 272 -17.82 -5.37 -9.49
C ASP A 272 -19.28 -5.82 -9.30
N GLY A 273 -20.24 -5.12 -9.92
CA GLY A 273 -21.67 -5.45 -9.74
C GLY A 273 -22.14 -5.36 -8.29
N GLY A 274 -21.45 -4.59 -7.44
CA GLY A 274 -21.81 -4.31 -6.03
C GLY A 274 -21.04 -5.09 -5.01
N PHE A 275 -20.11 -5.98 -5.43
CA PHE A 275 -19.40 -6.89 -4.50
C PHE A 275 -18.85 -6.14 -3.28
N ALA A 276 -18.13 -5.03 -3.50
CA ALA A 276 -17.40 -4.34 -2.40
C ALA A 276 -18.37 -3.83 -1.32
N SER A 277 -19.64 -3.62 -1.68
CA SER A 277 -20.69 -3.05 -0.80
C SER A 277 -21.58 -4.14 -0.21
N MET A 278 -21.25 -5.41 -0.41
CA MET A 278 -22.07 -6.57 0.02
C MET A 278 -21.44 -7.19 1.28
N GLY A 279 -22.28 -7.54 2.25
CA GLY A 279 -21.93 -8.40 3.39
C GLY A 279 -22.38 -9.84 3.14
N MET A 280 -23.63 -10.02 2.73
CA MET A 280 -24.18 -11.35 2.29
C MET A 280 -25.44 -11.22 1.44
N SER A 281 -25.46 -11.90 0.30
CA SER A 281 -26.63 -11.99 -0.62
C SER A 281 -27.41 -13.27 -0.33
N ARG A 282 -28.67 -13.29 -0.77
CA ARG A 282 -29.54 -14.49 -0.66
C ARG A 282 -28.88 -15.63 -1.42
N ARG A 283 -28.47 -15.37 -2.67
CA ARG A 283 -27.87 -16.38 -3.58
C ARG A 283 -26.63 -16.98 -2.93
N ALA A 284 -25.72 -16.15 -2.39
CA ALA A 284 -24.43 -16.61 -1.83
C ALA A 284 -24.70 -17.43 -0.56
N MET A 285 -25.65 -16.97 0.26
CA MET A 285 -25.98 -17.63 1.55
C MET A 285 -26.58 -19.01 1.26
N LYS A 286 -27.39 -19.14 0.20
CA LYS A 286 -28.08 -20.41 -0.16
C LYS A 286 -27.01 -21.46 -0.50
N THR A 287 -26.03 -21.09 -1.33
CA THR A 287 -24.92 -21.99 -1.70
C THR A 287 -24.15 -22.39 -0.45
N TYR A 288 -23.84 -21.43 0.41
CA TYR A 288 -23.09 -21.68 1.67
C TYR A 288 -23.87 -22.63 2.59
N GLU A 289 -25.17 -22.39 2.73
CA GLU A 289 -26.07 -23.22 3.58
C GLU A 289 -26.00 -24.67 3.11
N LYS A 290 -26.07 -24.89 1.79
CA LYS A 290 -26.05 -26.25 1.17
C LYS A 290 -24.72 -26.90 1.53
N GLY A 291 -23.63 -26.11 1.60
CA GLY A 291 -22.29 -26.59 1.99
C GLY A 291 -22.24 -27.03 3.43
N MET A 292 -22.91 -26.29 4.32
CA MET A 292 -22.99 -26.59 5.78
C MET A 292 -23.74 -27.91 5.99
N ARG A 293 -24.75 -28.20 5.17
CA ARG A 293 -25.61 -29.39 5.34
C ARG A 293 -24.87 -30.63 4.79
N PHE A 294 -24.12 -30.48 3.69
CA PHE A 294 -23.29 -31.57 3.10
C PHE A 294 -22.13 -31.91 4.03
N GLU A 295 -21.81 -31.04 4.99
CA GLU A 295 -20.81 -31.29 6.07
C GLU A 295 -21.46 -32.11 7.18
N ALA B 22 -0.78 1.84 36.39
CA ALA B 22 -0.10 0.56 36.76
C ALA B 22 -1.17 -0.49 37.11
N TYR B 23 -1.82 -1.06 36.08
CA TYR B 23 -2.94 -2.03 36.18
C TYR B 23 -2.42 -3.47 36.08
N ASN B 24 -1.11 -3.62 35.82
CA ASN B 24 -0.47 -4.95 35.58
C ASN B 24 -1.17 -5.65 34.43
N LEU B 25 -1.43 -4.91 33.34
CA LEU B 25 -2.12 -5.42 32.12
C LEU B 25 -1.29 -6.54 31.48
N LEU B 26 0.03 -6.34 31.37
CA LEU B 26 0.95 -7.25 30.65
C LEU B 26 1.80 -8.02 31.68
N LYS B 27 1.17 -8.46 32.76
CA LYS B 27 1.76 -9.35 33.80
C LYS B 27 2.11 -10.69 33.16
N GLY B 28 3.39 -11.08 33.22
CA GLY B 28 3.89 -12.37 32.69
C GLY B 28 3.83 -12.42 31.17
N LYS B 29 4.14 -11.29 30.53
CA LYS B 29 4.13 -11.17 29.05
C LYS B 29 5.50 -10.68 28.59
N LYS B 30 5.96 -11.25 27.46
CA LYS B 30 7.30 -10.99 26.86
C LYS B 30 7.11 -10.43 25.45
N GLY B 31 7.95 -9.47 25.05
CA GLY B 31 7.88 -8.85 23.71
C GLY B 31 9.21 -8.34 23.19
N LEU B 32 9.22 -8.03 21.89
CA LEU B 32 10.36 -7.46 21.14
C LEU B 32 9.92 -6.09 20.61
N ILE B 33 10.68 -5.04 20.90
CA ILE B 33 10.42 -3.65 20.41
C ILE B 33 11.54 -3.16 19.48
N PHE B 34 11.18 -2.85 18.22
CA PHE B 34 12.04 -2.19 17.22
C PHE B 34 11.90 -0.67 17.36
N GLY B 35 12.94 0.08 17.01
CA GLY B 35 12.84 1.50 16.63
C GLY B 35 12.88 2.47 17.80
N ALA B 36 13.35 2.03 18.97
CA ALA B 36 13.69 2.93 20.11
C ALA B 36 14.99 3.66 19.80
N LEU B 37 14.94 4.94 19.47
CA LEU B 37 16.16 5.76 19.18
C LEU B 37 16.51 6.61 20.41
N ASN B 38 15.57 7.44 20.86
CA ASN B 38 15.78 8.44 21.96
C ASN B 38 14.51 8.48 22.83
N GLU B 39 14.52 9.32 23.87
CA GLU B 39 13.45 9.40 24.90
C GLU B 39 12.14 9.86 24.24
N GLN B 40 12.23 10.66 23.19
CA GLN B 40 11.07 11.28 22.48
C GLN B 40 10.37 10.24 21.59
N SER B 41 11.05 9.15 21.22
CA SER B 41 10.56 8.15 20.25
C SER B 41 9.42 7.32 20.86
N ILE B 42 8.39 6.99 20.07
CA ILE B 42 7.17 6.24 20.50
C ILE B 42 7.55 4.85 21.02
N ALA B 43 8.47 4.12 20.38
CA ALA B 43 8.87 2.74 20.76
C ALA B 43 9.63 2.76 22.11
N TRP B 44 10.36 3.86 22.38
CA TRP B 44 11.03 4.15 23.68
C TRP B 44 9.96 4.19 24.77
N LYS B 45 8.88 4.97 24.55
CA LYS B 45 7.79 5.15 25.53
C LYS B 45 7.01 3.83 25.67
N VAL B 46 6.79 3.08 24.58
CA VAL B 46 6.10 1.75 24.67
C VAL B 46 6.93 0.82 25.56
N ALA B 47 8.26 0.88 25.43
CA ALA B 47 9.22 0.02 26.16
C ALA B 47 9.06 0.26 27.67
N GLU B 48 9.31 1.50 28.10
CA GLU B 48 9.36 1.88 29.54
C GLU B 48 7.96 1.73 30.15
N ARG B 49 6.91 1.89 29.34
CA ARG B 49 5.49 1.84 29.79
C ARG B 49 5.02 0.38 29.84
N ALA B 50 5.56 -0.49 28.98
CA ALA B 50 5.19 -1.92 28.90
C ALA B 50 5.74 -2.68 30.11
N VAL B 51 6.98 -2.39 30.50
CA VAL B 51 7.62 -2.96 31.73
C VAL B 51 6.83 -2.47 32.94
N GLU B 52 6.51 -1.17 32.99
CA GLU B 52 5.67 -0.54 34.05
C GLU B 52 4.40 -1.38 34.28
N GLU B 53 3.88 -2.00 33.22
CA GLU B 53 2.65 -2.84 33.24
C GLU B 53 2.98 -4.31 33.46
N GLY B 54 4.22 -4.61 33.83
CA GLY B 54 4.69 -5.94 34.29
C GLY B 54 5.12 -6.84 33.14
N ALA B 55 5.64 -6.27 32.04
CA ALA B 55 6.14 -7.02 30.87
C ALA B 55 7.68 -7.13 30.95
N GLU B 56 8.23 -8.25 30.48
CA GLU B 56 9.67 -8.39 30.07
C GLU B 56 9.80 -8.07 28.58
N ILE B 57 10.79 -7.27 28.17
CA ILE B 57 11.01 -6.88 26.74
C ILE B 57 12.47 -7.11 26.33
N VAL B 58 12.71 -7.30 25.04
CA VAL B 58 14.04 -7.20 24.37
C VAL B 58 14.01 -6.01 23.40
N LEU B 59 15.11 -5.24 23.31
CA LEU B 59 15.21 -4.05 22.43
C LEU B 59 16.12 -4.37 21.24
N THR B 60 15.82 -3.78 20.07
CA THR B 60 16.67 -3.90 18.85
C THR B 60 16.73 -2.53 18.16
N ASN B 61 17.87 -2.25 17.52
CA ASN B 61 18.03 -1.17 16.51
C ASN B 61 19.30 -1.48 15.71
N THR B 62 19.65 -0.63 14.74
CA THR B 62 20.88 -0.75 13.92
C THR B 62 22.08 -0.41 14.83
N ALA B 63 23.25 -0.97 14.53
CA ALA B 63 24.51 -0.73 15.28
C ALA B 63 24.77 0.79 15.36
N VAL B 64 24.62 1.50 14.24
CA VAL B 64 24.86 2.97 14.15
C VAL B 64 23.86 3.70 15.06
N SER B 65 22.70 3.11 15.34
CA SER B 65 21.69 3.64 16.31
C SER B 65 22.13 3.30 17.74
N ILE B 66 22.55 2.06 17.97
CA ILE B 66 22.99 1.57 19.30
C ILE B 66 24.29 2.28 19.67
N ARG B 67 25.33 2.12 18.82
CA ARG B 67 26.73 2.54 19.10
C ARG B 67 26.76 3.96 19.67
N MET B 68 25.91 4.86 19.17
CA MET B 68 25.77 6.25 19.68
C MET B 68 25.64 6.22 21.21
N GLY B 69 24.99 5.18 21.73
CA GLY B 69 24.91 4.87 23.17
C GLY B 69 23.56 5.26 23.77
N THR B 70 22.58 5.60 22.93
CA THR B 70 21.31 6.26 23.32
C THR B 70 20.33 5.23 23.90
N ILE B 71 20.04 4.19 23.14
CA ILE B 71 19.08 3.09 23.48
C ILE B 71 19.60 2.30 24.70
N GLY B 72 20.92 2.16 24.86
CA GLY B 72 21.51 1.39 25.97
C GLY B 72 20.96 1.85 27.32
N ARG B 73 20.83 3.18 27.47
CA ARG B 73 20.23 3.88 28.63
C ARG B 73 18.83 3.37 28.92
N LEU B 74 18.03 3.11 27.87
CA LEU B 74 16.64 2.58 27.99
C LEU B 74 16.71 1.10 28.38
N ALA B 75 17.70 0.37 27.87
CA ALA B 75 17.89 -1.07 28.15
C ALA B 75 18.60 -1.27 29.49
N GLU B 76 18.94 -0.19 30.19
CA GLU B 76 19.31 -0.19 31.63
C GLU B 76 18.00 -0.16 32.43
N LYS B 77 17.18 0.86 32.15
CA LYS B 77 15.89 1.16 32.84
C LYS B 77 15.00 -0.08 32.80
N CYS B 78 14.89 -0.74 31.64
CA CYS B 78 13.95 -1.86 31.41
C CYS B 78 14.63 -3.19 31.74
N ASN B 79 15.76 -3.14 32.45
CA ASN B 79 16.79 -4.21 32.52
C ASN B 79 16.96 -4.65 31.05
N THR B 80 17.17 -5.94 30.78
CA THR B 80 17.12 -6.57 29.43
C THR B 80 18.26 -6.01 28.56
N ILE B 81 18.29 -6.44 27.29
CA ILE B 81 19.44 -6.28 26.35
C ILE B 81 19.01 -5.49 25.10
N VAL B 82 19.98 -4.90 24.39
CA VAL B 82 19.82 -4.34 23.02
C VAL B 82 20.53 -5.28 22.04
N VAL B 83 19.79 -5.97 21.19
CA VAL B 83 20.34 -6.92 20.17
C VAL B 83 20.43 -6.18 18.85
N PRO B 84 21.64 -6.04 18.26
CA PRO B 84 21.81 -5.31 17.01
C PRO B 84 21.19 -6.13 15.87
N ALA B 85 20.53 -5.45 14.92
CA ALA B 85 19.88 -6.06 13.74
C ALA B 85 19.46 -4.96 12.78
N ASP B 86 19.85 -5.11 11.52
CA ASP B 86 19.22 -4.46 10.34
C ASP B 86 17.93 -5.25 10.06
N ALA B 87 16.77 -4.64 10.33
CA ALA B 87 15.45 -5.30 10.20
C ALA B 87 15.08 -5.53 8.72
N THR B 88 15.92 -5.11 7.75
CA THR B 88 15.75 -5.46 6.31
C THR B 88 16.54 -6.72 5.99
N SER B 89 17.37 -7.20 6.93
CA SER B 89 18.22 -8.41 6.74
C SER B 89 17.58 -9.62 7.43
N VAL B 90 17.15 -10.61 6.64
CA VAL B 90 16.54 -11.87 7.17
C VAL B 90 17.55 -12.59 8.08
N GLU B 91 18.84 -12.57 7.72
CA GLU B 91 19.95 -13.10 8.56
C GLU B 91 19.96 -12.40 9.92
N ASP B 92 20.00 -11.06 9.94
CA ASP B 92 20.00 -10.25 11.19
C ASP B 92 18.74 -10.55 12.02
N LEU B 93 17.60 -10.83 11.36
CA LEU B 93 16.31 -11.09 12.03
C LEU B 93 16.29 -12.51 12.62
N GLU B 94 16.84 -13.49 11.91
CA GLU B 94 16.98 -14.88 12.41
C GLU B 94 17.85 -14.85 13.68
N ASN B 95 18.94 -14.07 13.67
CA ASN B 95 19.82 -13.86 14.86
C ASN B 95 19.00 -13.20 15.98
N LEU B 96 18.35 -12.08 15.66
CA LEU B 96 17.51 -11.30 16.61
C LEU B 96 16.53 -12.21 17.34
N ILE B 97 15.77 -13.04 16.61
CA ILE B 97 14.71 -13.91 17.18
C ILE B 97 15.37 -14.96 18.09
N ASP B 98 16.48 -15.57 17.65
CA ASP B 98 17.20 -16.60 18.45
C ASP B 98 17.70 -15.99 19.76
N LYS B 99 18.39 -14.84 19.69
CA LYS B 99 18.92 -14.10 20.86
C LYS B 99 17.76 -13.60 21.74
N THR B 100 16.65 -13.17 21.15
CA THR B 100 15.43 -12.72 21.87
C THR B 100 14.84 -13.92 22.64
N MET B 101 14.63 -15.05 21.97
CA MET B 101 14.04 -16.28 22.56
C MET B 101 14.99 -16.88 23.61
N GLU B 102 16.31 -16.83 23.35
CA GLU B 102 17.36 -17.18 24.35
C GLU B 102 17.10 -16.35 25.61
N HIS B 103 17.12 -15.02 25.49
CA HIS B 103 16.99 -14.05 26.62
C HIS B 103 15.74 -14.34 27.45
N PHE B 104 14.61 -14.69 26.83
CA PHE B 104 13.32 -14.97 27.50
C PHE B 104 13.24 -16.45 27.90
N GLY B 105 14.12 -17.28 27.36
CA GLY B 105 14.11 -18.73 27.61
C GLY B 105 12.96 -19.42 26.93
N GLY B 106 12.54 -18.92 25.75
CA GLY B 106 11.47 -19.52 24.93
C GLY B 106 10.69 -18.48 24.13
N LYS B 107 9.44 -18.80 23.80
CA LYS B 107 8.51 -17.93 23.03
C LYS B 107 8.21 -16.61 23.75
N PHE B 108 7.78 -15.58 23.02
CA PHE B 108 7.27 -14.31 23.59
C PHE B 108 5.84 -14.10 23.08
N ASP B 109 5.24 -12.96 23.42
CA ASP B 109 3.79 -12.75 23.22
C ASP B 109 3.54 -11.64 22.20
N PHE B 110 4.29 -10.54 22.26
CA PHE B 110 4.02 -9.33 21.42
C PHE B 110 5.29 -8.82 20.72
N MET B 111 5.08 -7.93 19.73
CA MET B 111 6.17 -7.31 18.93
C MET B 111 5.69 -5.94 18.44
N LEU B 112 6.49 -4.90 18.65
CA LEU B 112 6.25 -3.53 18.16
C LEU B 112 7.22 -3.26 17.01
N HIS B 113 6.70 -3.11 15.80
CA HIS B 113 7.44 -2.57 14.63
C HIS B 113 7.25 -1.05 14.56
N SER B 114 8.31 -0.26 14.72
CA SER B 114 8.29 1.22 14.61
C SER B 114 9.55 1.68 13.84
N ILE B 115 9.62 1.31 12.57
CA ILE B 115 10.75 1.62 11.63
C ILE B 115 10.20 2.33 10.40
N GLY B 116 10.95 3.26 9.81
CA GLY B 116 10.59 3.87 8.53
C GLY B 116 11.43 5.09 8.22
N MET B 117 12.04 5.11 7.04
CA MET B 117 12.63 6.31 6.45
C MET B 117 12.67 6.12 4.92
N SER B 118 12.83 7.22 4.21
CA SER B 118 12.91 7.31 2.73
C SER B 118 14.19 8.07 2.35
N PRO B 119 15.14 7.41 1.66
CA PRO B 119 16.26 8.12 1.04
C PRO B 119 15.83 9.19 0.03
N ASN B 120 14.64 9.04 -0.56
CA ASN B 120 14.07 10.01 -1.52
C ASN B 120 13.81 11.32 -0.76
N VAL B 121 13.17 11.19 0.40
CA VAL B 121 12.85 12.34 1.29
C VAL B 121 14.17 12.99 1.72
N ARG B 122 15.11 12.17 2.22
CA ARG B 122 16.40 12.67 2.80
C ARG B 122 17.26 13.36 1.73
N LYS B 123 17.26 12.85 0.50
CA LYS B 123 18.07 13.42 -0.61
C LYS B 123 17.30 14.53 -1.33
N GLY B 124 16.06 14.82 -0.90
CA GLY B 124 15.27 15.97 -1.37
C GLY B 124 14.79 15.77 -2.80
N ARG B 125 14.48 14.53 -3.17
CA ARG B 125 13.82 14.22 -4.45
C ARG B 125 12.30 14.32 -4.25
N THR B 126 11.60 14.88 -5.22
CA THR B 126 10.12 15.01 -5.21
C THR B 126 9.54 13.69 -5.70
N TYR B 127 8.24 13.49 -5.47
CA TYR B 127 7.57 12.20 -5.73
C TYR B 127 7.60 11.91 -7.23
N ASP B 128 7.65 12.94 -8.09
CA ASP B 128 7.68 12.84 -9.56
C ASP B 128 9.15 12.83 -10.04
N ASP B 129 10.08 12.57 -9.14
CA ASP B 129 11.54 12.48 -9.45
C ASP B 129 12.18 11.49 -8.49
N LEU B 130 11.56 10.32 -8.31
CA LEU B 130 12.06 9.29 -7.38
C LEU B 130 13.32 8.67 -8.00
N ASP B 131 14.21 8.24 -7.13
CA ASP B 131 15.27 7.25 -7.44
C ASP B 131 14.67 5.91 -7.00
N TYR B 132 14.66 4.93 -7.91
CA TYR B 132 13.96 3.65 -7.70
C TYR B 132 14.77 2.69 -6.84
N ASP B 133 16.09 2.85 -6.71
CA ASP B 133 16.87 2.13 -5.66
C ASP B 133 16.47 2.69 -4.29
N TYR B 134 16.37 4.02 -4.17
CA TYR B 134 15.94 4.70 -2.93
C TYR B 134 14.53 4.21 -2.56
N LEU B 135 13.61 4.13 -3.53
CA LEU B 135 12.22 3.64 -3.28
C LEU B 135 12.26 2.20 -2.75
N SER B 136 13.07 1.33 -3.33
CA SER B 136 13.18 -0.08 -2.87
C SER B 136 13.57 -0.06 -1.39
N LYS B 137 14.51 0.81 -1.02
CA LYS B 137 14.98 0.97 0.38
C LYS B 137 13.81 1.47 1.26
N THR B 138 13.11 2.51 0.82
CA THR B 138 11.93 3.07 1.54
C THR B 138 10.94 1.95 1.85
N LEU B 139 10.59 1.19 0.82
CA LEU B 139 9.59 0.10 0.98
C LEU B 139 10.15 -1.00 1.89
N ASP B 140 11.45 -1.30 1.76
CA ASP B 140 12.09 -2.41 2.51
C ASP B 140 12.15 -2.03 4.00
N ILE B 141 12.69 -0.84 4.31
CA ILE B 141 12.87 -0.37 5.73
C ILE B 141 11.49 -0.18 6.37
N SER B 142 10.54 0.41 5.63
CA SER B 142 9.29 0.98 6.21
C SER B 142 8.15 -0.06 6.20
N ALA B 143 8.22 -1.11 5.38
CA ALA B 143 7.09 -2.06 5.22
C ALA B 143 7.55 -3.51 5.17
N ILE B 144 8.39 -3.88 4.19
CA ILE B 144 8.75 -5.30 3.94
C ILE B 144 9.45 -5.86 5.20
N SER B 145 10.20 -5.02 5.92
CA SER B 145 10.85 -5.33 7.22
C SER B 145 9.83 -5.96 8.18
N PHE B 146 8.57 -5.50 8.10
CA PHE B 146 7.50 -6.00 9.00
C PHE B 146 7.20 -7.44 8.60
N HIS B 147 7.01 -7.71 7.31
CA HIS B 147 6.79 -9.08 6.78
C HIS B 147 7.99 -9.98 7.14
N LYS B 148 9.19 -9.48 6.90
CA LYS B 148 10.44 -10.23 7.19
C LYS B 148 10.45 -10.63 8.68
N ALA B 149 10.18 -9.67 9.58
CA ALA B 149 10.20 -9.91 11.04
C ALA B 149 9.17 -10.98 11.40
N ILE B 150 7.95 -10.90 10.85
CA ILE B 150 6.84 -11.84 11.16
C ILE B 150 7.13 -13.23 10.57
N GLN B 151 7.66 -13.29 9.35
CA GLN B 151 7.93 -14.60 8.69
C GLN B 151 9.03 -15.37 9.45
N VAL B 152 10.08 -14.67 9.86
CA VAL B 152 11.20 -15.27 10.65
C VAL B 152 10.61 -15.81 11.95
N ALA B 153 9.76 -15.02 12.62
CA ALA B 153 9.07 -15.39 13.89
C ALA B 153 8.22 -16.64 13.64
N ARG B 154 7.43 -16.66 12.57
CA ARG B 154 6.51 -17.77 12.25
C ARG B 154 7.33 -19.04 12.01
N LYS B 155 8.43 -18.94 11.28
CA LYS B 155 9.25 -20.13 10.90
C LYS B 155 9.93 -20.72 12.15
N LYS B 156 10.24 -19.89 13.15
CA LYS B 156 10.94 -20.29 14.41
C LYS B 156 9.90 -20.49 15.54
N ASP B 157 8.61 -20.43 15.20
CA ASP B 157 7.46 -20.43 16.15
C ASP B 157 7.82 -19.61 17.40
N ALA B 158 8.13 -18.33 17.21
CA ALA B 158 8.71 -17.43 18.24
C ALA B 158 7.61 -16.83 19.14
N ILE B 159 6.36 -16.89 18.70
CA ILE B 159 5.23 -16.12 19.31
C ILE B 159 4.15 -17.09 19.81
N ASN B 160 3.78 -16.96 21.08
CA ASN B 160 2.69 -17.74 21.74
C ASN B 160 1.35 -17.52 21.05
N ASP B 161 0.46 -18.52 21.11
CA ASP B 161 -0.98 -18.42 20.73
C ASP B 161 -1.54 -17.13 21.35
N TRP B 162 -2.36 -16.39 20.59
CA TRP B 162 -3.08 -15.18 21.08
C TRP B 162 -2.08 -14.05 21.39
N GLY B 163 -0.86 -14.13 20.82
CA GLY B 163 0.11 -13.03 20.77
C GLY B 163 -0.41 -11.86 19.94
N SER B 164 0.30 -10.73 19.96
CA SER B 164 -0.17 -9.46 19.37
C SER B 164 1.02 -8.74 18.71
N ILE B 165 0.92 -8.55 17.39
CA ILE B 165 1.94 -7.82 16.59
C ILE B 165 1.33 -6.47 16.22
N VAL B 166 2.06 -5.38 16.45
CA VAL B 166 1.66 -3.98 16.09
C VAL B 166 2.76 -3.29 15.28
N ALA B 167 2.36 -2.60 14.21
CA ALA B 167 3.20 -1.67 13.43
C ALA B 167 2.57 -0.28 13.46
N LEU B 168 3.37 0.76 13.63
CA LEU B 168 2.92 2.17 13.62
C LEU B 168 2.79 2.63 12.17
N SER B 169 1.67 3.30 11.86
CA SER B 169 1.40 3.84 10.51
C SER B 169 0.89 5.28 10.63
N TYR B 170 0.53 5.88 9.50
CA TYR B 170 0.07 7.29 9.41
C TYR B 170 -0.94 7.39 8.26
N ILE B 171 -1.90 8.30 8.41
CA ILE B 171 -3.11 8.42 7.56
C ILE B 171 -2.77 8.77 6.11
N ALA B 172 -1.52 9.12 5.78
CA ALA B 172 -1.05 9.32 4.39
C ALA B 172 -1.22 8.02 3.60
N ALA B 173 -1.26 6.88 4.26
CA ALA B 173 -1.61 5.56 3.69
C ALA B 173 -2.96 5.63 2.95
N GLN B 174 -3.88 6.47 3.44
CA GLN B 174 -5.24 6.64 2.87
C GLN B 174 -5.40 7.97 2.16
N ARG B 175 -4.81 9.05 2.71
CA ARG B 175 -5.09 10.45 2.29
C ARG B 175 -3.78 11.20 2.12
N THR B 176 -3.51 11.62 0.88
CA THR B 176 -2.20 12.15 0.40
C THR B 176 -1.79 13.41 1.17
N LEU B 177 -0.52 13.46 1.60
CA LEU B 177 0.06 14.60 2.35
C LEU B 177 1.23 15.13 1.54
N TYR B 178 1.15 16.37 1.05
CA TYR B 178 2.23 17.06 0.29
C TYR B 178 3.56 16.78 1.00
N GLY B 179 4.58 16.41 0.26
CA GLY B 179 5.95 16.30 0.84
C GLY B 179 6.22 15.01 1.59
N TYR B 180 5.20 14.21 1.95
CA TYR B 180 5.36 12.93 2.69
C TYR B 180 5.89 11.85 1.74
N ASN B 181 5.67 12.02 0.44
CA ASN B 181 6.49 11.40 -0.63
C ASN B 181 6.21 9.90 -0.65
N ASP B 182 7.23 9.07 -0.86
CA ASP B 182 7.08 7.61 -1.04
C ASP B 182 6.75 6.93 0.30
N MET B 183 6.87 7.63 1.43
CA MET B 183 6.49 7.10 2.76
C MET B 183 4.98 6.78 2.81
N ALA B 184 4.15 7.56 2.11
CA ALA B 184 2.68 7.34 2.05
C ALA B 184 2.44 5.93 1.48
N ASP B 185 3.13 5.62 0.37
CA ASP B 185 3.00 4.33 -0.36
C ASP B 185 3.56 3.19 0.50
N ALA B 186 4.64 3.43 1.23
CA ALA B 186 5.21 2.45 2.19
C ALA B 186 4.20 2.13 3.31
N LYS B 187 3.49 3.14 3.81
CA LYS B 187 2.52 2.94 4.93
C LYS B 187 1.32 2.14 4.42
N ALA B 188 0.89 2.40 3.18
CA ALA B 188 -0.20 1.61 2.54
C ALA B 188 0.21 0.14 2.47
N LEU B 189 1.47 -0.12 2.09
CA LEU B 189 2.00 -1.48 1.90
C LEU B 189 2.09 -2.16 3.26
N LEU B 190 2.57 -1.43 4.27
CA LEU B 190 2.68 -1.90 5.68
C LEU B 190 1.31 -2.37 6.17
N GLU B 191 0.30 -1.52 5.97
CA GLU B 191 -1.08 -1.81 6.49
C GLU B 191 -1.64 -3.05 5.80
N SER B 192 -1.36 -3.25 4.52
CA SER B 192 -1.78 -4.43 3.74
C SER B 192 -1.10 -5.71 4.27
N ILE B 193 0.19 -5.61 4.61
CA ILE B 193 0.95 -6.77 5.16
C ILE B 193 0.29 -7.19 6.47
N ALA B 194 -0.15 -6.23 7.29
CA ALA B 194 -0.84 -6.48 8.57
C ALA B 194 -2.07 -7.34 8.32
N ARG B 195 -2.86 -7.02 7.29
CA ARG B 195 -4.04 -7.83 6.89
C ARG B 195 -3.60 -9.21 6.39
N SER B 196 -2.74 -9.24 5.38
CA SER B 196 -2.32 -10.49 4.70
C SER B 196 -1.75 -11.48 5.73
N PHE B 197 -0.89 -11.00 6.62
CA PHE B 197 -0.19 -11.87 7.61
C PHE B 197 -1.12 -12.11 8.80
N GLY B 198 -1.93 -11.10 9.14
CA GLY B 198 -2.99 -11.28 10.15
C GLY B 198 -3.82 -12.52 9.88
N TYR B 199 -4.25 -12.73 8.65
CA TYR B 199 -5.10 -13.89 8.28
C TYR B 199 -4.33 -15.19 8.57
N ILE B 200 -3.10 -15.29 8.06
CA ILE B 200 -2.29 -16.54 8.10
C ILE B 200 -2.00 -16.90 9.57
N TYR B 201 -1.46 -15.96 10.34
CA TYR B 201 -0.99 -16.17 11.73
C TYR B 201 -2.20 -16.37 12.64
N GLY B 202 -3.34 -15.76 12.28
CA GLY B 202 -4.59 -15.85 13.05
C GLY B 202 -5.27 -17.20 12.92
N ARG B 203 -5.44 -17.71 11.70
CA ARG B 203 -6.16 -18.97 11.44
C ARG B 203 -5.36 -20.14 12.03
N GLU B 204 -4.06 -19.96 12.25
CA GLU B 204 -3.11 -21.02 12.68
C GLU B 204 -2.96 -21.01 14.21
N LYS B 205 -2.54 -19.87 14.77
CA LYS B 205 -2.13 -19.72 16.19
C LYS B 205 -2.86 -18.55 16.87
N HIS B 206 -3.95 -18.04 16.28
CA HIS B 206 -4.81 -16.99 16.90
C HIS B 206 -4.00 -15.75 17.26
N VAL B 207 -2.85 -15.51 16.62
CA VAL B 207 -2.01 -14.29 16.84
C VAL B 207 -2.69 -13.16 16.06
N ARG B 208 -2.95 -12.03 16.72
CA ARG B 208 -3.59 -10.85 16.08
C ARG B 208 -2.49 -9.90 15.58
N ILE B 209 -2.77 -9.23 14.45
CA ILE B 209 -1.82 -8.26 13.82
C ILE B 209 -2.60 -7.01 13.39
N ASN B 210 -2.17 -5.85 13.86
CA ASN B 210 -2.85 -4.55 13.58
C ASN B 210 -1.82 -3.45 13.33
N THR B 211 -2.27 -2.35 12.72
CA THR B 211 -1.52 -1.09 12.61
C THR B 211 -2.25 -0.03 13.45
N VAL B 212 -1.47 0.80 14.14
CA VAL B 212 -1.95 2.02 14.84
C VAL B 212 -1.55 3.17 13.95
N SER B 213 -2.54 3.86 13.39
CA SER B 213 -2.36 5.08 12.57
C SER B 213 -2.33 6.27 13.54
N GLN B 214 -1.13 6.79 13.80
CA GLN B 214 -0.81 7.71 14.93
C GLN B 214 -0.87 9.15 14.42
N SER B 215 -1.16 10.13 15.30
CA SER B 215 -1.03 11.58 15.03
C SER B 215 0.39 11.88 14.52
N PRO B 216 0.62 12.99 13.79
CA PRO B 216 1.98 13.47 13.52
C PRO B 216 2.62 13.79 14.87
N THR B 217 3.82 13.25 15.12
CA THR B 217 4.54 13.30 16.42
C THR B 217 5.96 13.83 16.20
N PRO B 218 6.48 14.72 17.08
CA PRO B 218 7.87 15.18 16.93
C PRO B 218 8.91 14.11 17.28
N THR B 219 9.99 14.04 16.50
CA THR B 219 11.10 13.04 16.58
C THR B 219 10.59 11.75 17.24
N LEU B 226 7.97 16.59 6.44
CA LEU B 226 6.83 17.55 6.46
C LEU B 226 5.87 17.25 7.62
N GLY B 227 6.24 16.34 8.53
CA GLY B 227 5.47 16.00 9.75
C GLY B 227 5.86 16.89 10.90
N MET B 228 6.26 18.13 10.61
CA MET B 228 6.77 19.15 11.57
C MET B 228 5.66 20.17 11.92
N GLY B 229 5.98 21.47 11.90
CA GLY B 229 5.32 22.51 12.72
C GLY B 229 3.90 22.83 12.30
N ASP B 230 3.72 23.37 11.09
CA ASP B 230 2.42 23.85 10.53
C ASP B 230 1.42 22.68 10.46
N LEU B 231 1.88 21.48 10.08
CA LEU B 231 1.03 20.27 9.98
C LEU B 231 0.59 19.82 11.39
N MET B 232 1.50 19.86 12.36
CA MET B 232 1.13 19.45 13.75
C MET B 232 0.09 20.41 14.35
N ASN B 233 0.14 21.69 14.00
CA ASN B 233 -0.84 22.72 14.42
C ASN B 233 -2.20 22.44 13.75
N PHE B 234 -2.19 22.20 12.43
CA PHE B 234 -3.40 21.89 11.65
C PHE B 234 -4.11 20.67 12.25
N ALA B 235 -3.35 19.60 12.52
CA ALA B 235 -3.90 18.33 13.04
C ALA B 235 -4.39 18.51 14.48
N GLU B 236 -3.69 19.31 15.28
CA GLU B 236 -4.10 19.67 16.67
C GLU B 236 -5.49 20.34 16.64
N ASN B 237 -5.66 21.35 15.80
CA ASN B 237 -6.87 22.21 15.69
C ASN B 237 -8.00 21.38 15.06
N MET B 238 -7.68 20.58 14.04
CA MET B 238 -8.70 19.77 13.32
C MET B 238 -9.25 18.69 14.27
N SER B 239 -8.41 18.10 15.11
CA SER B 239 -8.76 16.94 15.97
C SER B 239 -9.44 17.47 17.24
N PRO B 240 -10.70 17.06 17.56
CA PRO B 240 -11.41 17.64 18.69
C PRO B 240 -10.65 17.43 20.01
N LEU B 241 -9.90 16.32 20.12
CA LEU B 241 -9.18 15.96 21.37
C LEU B 241 -7.71 16.38 21.28
N GLY B 242 -7.35 17.11 20.22
CA GLY B 242 -5.95 17.48 19.88
C GLY B 242 -5.14 16.28 19.44
N ASN B 243 -3.88 16.50 19.02
CA ASN B 243 -2.98 15.41 18.59
C ASN B 243 -2.78 14.44 19.77
N ALA B 244 -2.65 13.15 19.47
CA ALA B 244 -2.23 12.10 20.43
C ALA B 244 -0.71 12.17 20.58
N SER B 245 -0.22 12.24 21.83
CA SER B 245 1.22 12.26 22.19
C SER B 245 1.83 10.88 21.92
N ALA B 246 3.15 10.78 22.00
CA ALA B 246 3.86 9.49 21.99
C ALA B 246 3.45 8.66 23.20
N ASN B 247 3.21 9.32 24.33
CA ASN B 247 2.75 8.68 25.61
C ASN B 247 1.32 8.14 25.43
N ASP B 248 0.43 8.92 24.80
CA ASP B 248 -0.94 8.46 24.47
C ASP B 248 -0.85 7.21 23.60
N CYS B 249 0.06 7.23 22.62
CA CYS B 249 0.24 6.10 21.68
C CYS B 249 0.65 4.85 22.44
N ALA B 250 1.66 4.98 23.32
CA ALA B 250 2.17 3.90 24.19
C ALA B 250 1.02 3.32 25.02
N ASP B 251 0.21 4.20 25.63
CA ASP B 251 -1.04 3.82 26.34
C ASP B 251 -1.91 2.91 25.45
N TYR B 252 -2.23 3.32 24.21
CA TYR B 252 -3.21 2.60 23.36
C TYR B 252 -2.63 1.23 22.99
N VAL B 253 -1.34 1.22 22.61
CA VAL B 253 -0.63 -0.01 22.17
C VAL B 253 -0.69 -1.07 23.28
N LEU B 254 -0.61 -0.68 24.55
CA LEU B 254 -0.69 -1.65 25.69
C LEU B 254 -2.01 -2.43 25.59
N THR B 255 -3.11 -1.74 25.24
CA THR B 255 -4.44 -2.37 25.14
C THR B 255 -4.34 -3.50 24.12
N LEU B 256 -3.64 -3.25 23.00
CA LEU B 256 -3.55 -4.19 21.86
C LEU B 256 -2.68 -5.41 22.24
N PHE B 257 -1.69 -5.22 23.13
CA PHE B 257 -0.86 -6.32 23.68
C PHE B 257 -1.62 -7.10 24.77
N SER B 258 -2.64 -6.50 25.40
CA SER B 258 -3.46 -7.15 26.47
C SER B 258 -4.44 -8.19 25.91
N ASP B 259 -4.93 -9.08 26.76
CA ASP B 259 -5.88 -10.17 26.39
C ASP B 259 -7.28 -9.60 26.08
N LEU B 260 -7.53 -8.32 26.38
CA LEU B 260 -8.85 -7.66 26.21
C LEU B 260 -9.11 -7.27 24.74
N THR B 261 -8.10 -7.38 23.87
CA THR B 261 -8.19 -7.04 22.41
C THR B 261 -7.96 -8.30 21.58
N ARG B 262 -8.12 -9.47 22.19
CA ARG B 262 -7.87 -10.80 21.57
C ARG B 262 -8.59 -10.95 20.23
N LYS B 263 -9.77 -10.34 20.05
CA LYS B 263 -10.61 -10.58 18.85
C LYS B 263 -10.43 -9.43 17.85
N VAL B 264 -9.57 -8.46 18.16
CA VAL B 264 -9.22 -7.31 17.27
C VAL B 264 -8.00 -7.70 16.43
N THR B 265 -8.21 -7.96 15.15
CA THR B 265 -7.11 -8.34 14.21
C THR B 265 -7.37 -7.75 12.82
N MET B 266 -6.29 -7.51 12.06
CA MET B 266 -6.29 -7.03 10.66
C MET B 266 -6.89 -5.60 10.57
N GLN B 267 -6.79 -4.82 11.65
CA GLN B 267 -7.38 -3.46 11.75
C GLN B 267 -6.30 -2.40 11.60
N ASN B 268 -6.66 -1.29 10.96
CA ASN B 268 -5.88 -0.03 10.94
C ASN B 268 -6.59 0.93 11.89
N LEU B 269 -6.07 1.04 13.11
CA LEU B 269 -6.71 1.73 14.26
C LEU B 269 -6.22 3.18 14.36
N TYR B 270 -7.06 4.17 14.02
CA TYR B 270 -6.71 5.59 14.12
C TYR B 270 -6.63 5.97 15.61
N HIS B 271 -5.51 6.56 15.99
CA HIS B 271 -5.19 7.07 17.36
C HIS B 271 -4.70 8.51 17.19
N ASP B 272 -5.62 9.48 17.07
CA ASP B 272 -5.35 10.78 16.44
C ASP B 272 -6.28 11.86 16.98
N GLY B 273 -6.96 11.57 18.08
CA GLY B 273 -7.89 12.54 18.69
C GLY B 273 -9.06 12.83 17.78
N GLY B 274 -9.36 11.90 16.85
CA GLY B 274 -10.49 12.02 15.91
C GLY B 274 -10.13 12.55 14.53
N PHE B 275 -8.84 12.84 14.26
CA PHE B 275 -8.44 13.46 12.98
C PHE B 275 -9.10 12.75 11.79
N ALA B 276 -8.99 11.42 11.74
CA ALA B 276 -9.37 10.56 10.60
C ALA B 276 -10.86 10.77 10.27
N SER B 277 -11.65 11.09 11.28
CA SER B 277 -13.12 11.21 11.15
C SER B 277 -13.57 12.66 10.96
N MET B 278 -12.66 13.62 10.74
CA MET B 278 -12.96 15.08 10.68
C MET B 278 -12.87 15.61 9.25
N GLY B 279 -13.82 16.46 8.88
CA GLY B 279 -13.82 17.26 7.65
C GLY B 279 -13.33 18.67 7.93
N MET B 280 -13.92 19.31 8.94
CA MET B 280 -13.52 20.68 9.38
C MET B 280 -14.01 20.94 10.80
N SER B 281 -13.09 21.34 11.68
CA SER B 281 -13.38 21.83 13.05
C SER B 281 -13.52 23.36 13.01
N ARG B 282 -14.24 23.92 13.97
CA ARG B 282 -14.40 25.39 14.03
C ARG B 282 -13.01 26.00 14.22
N ARG B 283 -12.18 25.36 15.05
CA ARG B 283 -10.86 25.86 15.49
C ARG B 283 -9.90 25.90 14.30
N ALA B 284 -9.89 24.86 13.45
CA ALA B 284 -9.06 24.83 12.23
C ALA B 284 -9.55 25.89 11.24
N MET B 285 -10.86 26.02 11.05
CA MET B 285 -11.39 27.00 10.07
C MET B 285 -11.04 28.43 10.53
N LYS B 286 -11.02 28.66 11.84
CA LYS B 286 -10.71 30.00 12.41
C LYS B 286 -9.31 30.41 11.95
N THR B 287 -8.36 29.47 11.98
CA THR B 287 -6.97 29.73 11.53
C THR B 287 -6.97 29.91 10.00
N TYR B 288 -7.60 28.99 9.27
CA TYR B 288 -7.61 28.99 7.79
C TYR B 288 -8.21 30.31 7.30
N GLU B 289 -9.32 30.75 7.90
CA GLU B 289 -10.02 31.98 7.47
C GLU B 289 -9.09 33.19 7.61
N LYS B 290 -8.29 33.22 8.68
CA LYS B 290 -7.29 34.29 8.94
C LYS B 290 -6.25 34.29 7.81
N GLY B 291 -5.72 33.11 7.45
CA GLY B 291 -4.76 33.00 6.34
C GLY B 291 -5.35 33.56 5.06
N MET B 292 -6.65 33.35 4.86
CA MET B 292 -7.34 33.71 3.60
C MET B 292 -7.69 35.20 3.60
N ARG B 293 -8.08 35.76 4.75
CA ARG B 293 -8.82 37.05 4.86
C ARG B 293 -7.97 38.14 5.54
N PHE B 294 -7.12 37.78 6.52
CA PHE B 294 -6.52 38.72 7.50
C PHE B 294 -6.05 40.02 6.81
N GLU B 295 -5.28 39.88 5.73
CA GLU B 295 -4.66 41.04 5.04
C GLU B 295 -5.77 41.98 4.58
N ASP B 296 -6.78 41.44 3.89
CA ASP B 296 -7.85 42.26 3.27
C ASP B 296 -8.71 42.96 4.34
C1 GOL C . -2.19 -12.57 1.45
O1 GOL C . -2.74 -11.78 0.40
C2 GOL C . -2.96 -13.87 1.62
O2 GOL C . -2.75 -14.72 0.48
C3 GOL C . -2.61 -14.62 2.89
O3 GOL C . -3.20 -14.01 4.04
#